data_3W26
#
_entry.id   3W26
#
_cell.length_a   77.068
_cell.length_b   118.415
_cell.length_c   45.359
_cell.angle_alpha   90.00
_cell.angle_beta   90.00
_cell.angle_gamma   90.00
#
_symmetry.space_group_name_H-M   'P 21 21 2'
#
loop_
_entity.id
_entity.type
_entity.pdbx_description
1 polymer 'Glycoside hydrolase family 10'
2 branched beta-D-xylopyranose-(1-4)-beta-D-xylopyranose-(1-4)-beta-D-xylopyranose
3 water water
#
_entity_poly.entity_id   1
_entity_poly.type   'polypeptide(L)'
_entity_poly.pdbx_seq_one_letter_code
;TIQNDIPDLYSVFKDYFPIGVAVDPSRLNDADPHAQLTAKHFNMLVAENAMKPESLQPTEGNFTFDNADKIVDYAIAHNM
KMRGHTLLWHNQVPDWFFQDPSDPSKPASRDLLLQRLRTHITTVLDHFKTKYGSQNPIIGWDVVNAVLDDNGNLRNSKWL
QIIGPDYIEKAFEYAHEADPSMKLFINDYNIENNGVKTQAMYDLVKKLKNEGVPINGIGMQMHISINSNIDNIKASIEKL
ASLGVEIQVTELDMNMNGDVSNDALLKQARLYKQLFDLFKAEKQYITAVVFWGVSDDVSWLSKPNAPLLFDSKLQAKPAY
WAIVDLGKAIPDIQSA
;
_entity_poly.pdbx_strand_id   A
#
# COMPACT_ATOMS: atom_id res chain seq x y z
N THR A 1 -3.92 26.78 -4.87
CA THR A 1 -5.18 26.50 -5.61
C THR A 1 -4.94 25.49 -6.73
N ILE A 2 -5.88 24.58 -6.92
CA ILE A 2 -5.73 23.56 -7.95
C ILE A 2 -6.36 23.95 -9.28
N GLN A 3 -6.07 23.16 -10.31
CA GLN A 3 -6.62 23.37 -11.64
C GLN A 3 -7.90 22.55 -11.68
N ASN A 4 -9.04 23.23 -11.60
CA ASN A 4 -10.33 22.56 -11.59
C ASN A 4 -10.85 22.01 -12.91
N ASP A 5 -10.38 22.56 -14.02
CA ASP A 5 -10.89 22.13 -15.32
C ASP A 5 -10.13 21.04 -16.08
N ILE A 6 -8.95 20.65 -15.61
CA ILE A 6 -8.22 19.60 -16.30
C ILE A 6 -8.91 18.27 -16.03
N PRO A 7 -8.64 17.23 -16.85
CA PRO A 7 -9.26 15.92 -16.66
C PRO A 7 -9.03 15.27 -15.29
N ASP A 8 -10.07 14.62 -14.77
CA ASP A 8 -9.95 13.90 -13.49
C ASP A 8 -9.07 12.71 -13.81
N LEU A 9 -7.94 12.59 -13.13
CA LEU A 9 -7.01 11.50 -13.41
C LEU A 9 -7.63 10.10 -13.51
N TYR A 10 -8.34 9.67 -12.49
CA TYR A 10 -8.89 8.32 -12.51
C TYR A 10 -9.84 8.03 -13.68
N SER A 11 -10.54 9.06 -14.16
CA SER A 11 -11.48 8.88 -15.25
C SER A 11 -10.80 8.40 -16.54
N VAL A 12 -9.53 8.77 -16.71
CA VAL A 12 -8.77 8.38 -17.88
C VAL A 12 -8.54 6.87 -17.88
N PHE A 13 -8.61 6.26 -16.70
CA PHE A 13 -8.37 4.84 -16.55
C PHE A 13 -9.60 4.03 -16.17
N LYS A 14 -10.78 4.61 -16.34
CA LYS A 14 -12.01 3.93 -15.98
C LYS A 14 -12.15 2.52 -16.57
N ASP A 15 -11.64 2.32 -17.78
CA ASP A 15 -11.76 1.01 -18.42
C ASP A 15 -10.61 0.06 -18.08
N TYR A 16 -9.75 0.47 -17.15
CA TYR A 16 -8.62 -0.38 -16.78
C TYR A 16 -8.60 -0.75 -15.31
N PHE A 17 -8.58 0.25 -14.45
CA PHE A 17 -8.53 0.03 -13.00
C PHE A 17 -8.67 1.34 -12.24
N PRO A 18 -9.06 1.25 -10.97
CA PRO A 18 -9.19 2.48 -10.17
C PRO A 18 -7.81 3.09 -9.93
N ILE A 19 -7.77 4.41 -9.78
CA ILE A 19 -6.53 5.11 -9.49
C ILE A 19 -6.69 5.71 -8.10
N GLY A 20 -5.83 5.30 -7.16
CA GLY A 20 -5.93 5.80 -5.80
C GLY A 20 -4.77 6.63 -5.30
N VAL A 21 -4.91 7.11 -4.08
CA VAL A 21 -3.86 7.92 -3.45
C VAL A 21 -3.83 7.73 -1.93
N ALA A 22 -2.63 7.80 -1.37
CA ALA A 22 -2.45 7.66 0.07
C ALA A 22 -2.62 9.04 0.70
N VAL A 23 -3.41 9.12 1.76
CA VAL A 23 -3.67 10.39 2.41
C VAL A 23 -3.42 10.44 3.92
N ASP A 24 -3.33 11.68 4.40
CA ASP A 24 -3.10 12.08 5.78
C ASP A 24 -4.48 12.57 6.26
N PRO A 25 -4.93 12.13 7.44
CA PRO A 25 -6.25 12.57 7.95
C PRO A 25 -6.41 14.08 8.13
N SER A 26 -5.29 14.79 8.23
CA SER A 26 -5.34 16.24 8.42
C SER A 26 -5.53 17.00 7.11
N ARG A 27 -5.56 16.30 5.99
CA ARG A 27 -5.71 16.95 4.69
C ARG A 27 -7.00 16.53 3.98
N LEU A 28 -8.10 16.53 4.73
CA LEU A 28 -9.38 16.11 4.18
C LEU A 28 -10.49 17.17 4.25
N ASN A 29 -10.17 18.36 4.75
CA ASN A 29 -11.16 19.42 4.84
C ASN A 29 -11.53 19.96 3.46
N ASP A 30 -12.81 20.24 3.26
CA ASP A 30 -13.30 20.74 1.97
C ASP A 30 -12.55 21.95 1.41
N ALA A 31 -12.08 22.84 2.29
CA ALA A 31 -11.38 24.04 1.86
C ALA A 31 -9.88 23.83 1.65
N ASP A 32 -9.40 22.64 2.01
CA ASP A 32 -7.98 22.31 1.88
C ASP A 32 -7.69 21.93 0.43
N PRO A 33 -6.73 22.62 -0.22
CA PRO A 33 -6.41 22.31 -1.61
C PRO A 33 -5.96 20.86 -1.82
N HIS A 34 -5.30 20.26 -0.83
CA HIS A 34 -4.87 18.88 -0.98
C HIS A 34 -6.09 17.95 -1.05
N ALA A 35 -7.11 18.27 -0.26
CA ALA A 35 -8.34 17.50 -0.25
C ALA A 35 -9.07 17.67 -1.58
N GLN A 36 -9.02 18.89 -2.13
CA GLN A 36 -9.66 19.14 -3.42
C GLN A 36 -9.01 18.30 -4.51
N LEU A 37 -7.68 18.22 -4.46
CA LEU A 37 -6.94 17.44 -5.43
C LEU A 37 -7.30 15.96 -5.28
N THR A 38 -7.42 15.53 -4.02
CA THR A 38 -7.76 14.15 -3.70
C THR A 38 -9.11 13.73 -4.28
N ALA A 39 -10.14 14.52 -4.00
CA ALA A 39 -11.49 14.22 -4.47
C ALA A 39 -11.63 14.33 -5.99
N LYS A 40 -10.86 15.23 -6.59
CA LYS A 40 -10.96 15.41 -8.04
C LYS A 40 -10.34 14.31 -8.87
N HIS A 41 -9.13 13.90 -8.50
CA HIS A 41 -8.39 12.95 -9.30
C HIS A 41 -8.41 11.48 -8.96
N PHE A 42 -8.89 11.12 -7.78
CA PHE A 42 -8.85 9.72 -7.38
C PHE A 42 -10.18 9.11 -7.00
N ASN A 43 -10.33 7.81 -7.28
CA ASN A 43 -11.55 7.10 -6.91
C ASN A 43 -11.22 5.94 -5.97
N MET A 44 -10.03 6.02 -5.37
CA MET A 44 -9.57 5.02 -4.39
C MET A 44 -8.66 5.75 -3.39
N LEU A 45 -8.75 5.35 -2.12
CA LEU A 45 -7.96 5.96 -1.06
C LEU A 45 -7.27 4.93 -0.18
N VAL A 46 -6.13 5.33 0.37
CA VAL A 46 -5.40 4.48 1.30
C VAL A 46 -4.88 5.39 2.41
N ALA A 47 -4.80 4.86 3.63
CA ALA A 47 -4.28 5.64 4.74
C ALA A 47 -2.76 5.52 4.69
N GLU A 48 -2.08 6.65 4.54
CA GLU A 48 -0.61 6.61 4.48
C GLU A 48 -0.04 6.08 5.79
N ASN A 49 -0.70 6.42 6.91
CA ASN A 49 -0.24 6.00 8.24
C ASN A 49 -1.31 5.61 9.26
N ALA A 50 -2.51 6.16 9.10
CA ALA A 50 -3.57 5.96 10.07
C ALA A 50 -4.09 4.55 10.32
N MET A 51 -3.73 3.59 9.49
CA MET A 51 -4.19 2.21 9.71
C MET A 51 -3.05 1.26 10.02
N LYS A 52 -1.87 1.81 10.28
CA LYS A 52 -0.72 0.99 10.65
C LYS A 52 -0.94 0.50 12.10
N PRO A 53 -0.23 -0.56 12.50
CA PRO A 53 -0.43 -1.07 13.86
C PRO A 53 -0.33 -0.07 15.00
N GLU A 54 0.72 0.75 15.01
CA GLU A 54 0.88 1.73 16.10
C GLU A 54 -0.23 2.77 16.07
N SER A 55 -0.77 3.02 14.89
CA SER A 55 -1.82 4.01 14.74
C SER A 55 -3.19 3.49 15.16
N LEU A 56 -3.33 2.16 15.26
CA LEU A 56 -4.60 1.58 15.65
C LEU A 56 -4.65 0.99 17.04
N GLN A 57 -3.50 0.52 17.55
CA GLN A 57 -3.47 -0.05 18.90
C GLN A 57 -2.15 0.35 19.57
N PRO A 58 -2.01 1.63 19.93
CA PRO A 58 -0.78 2.12 20.57
C PRO A 58 -0.34 1.41 21.84
N THR A 59 -1.30 1.00 22.67
CA THR A 59 -1.00 0.25 23.88
C THR A 59 -2.02 -0.90 23.86
N GLU A 60 -1.69 -2.02 24.51
CA GLU A 60 -2.56 -3.20 24.44
C GLU A 60 -4.00 -3.01 24.90
N GLY A 61 -4.93 -3.27 23.98
CA GLY A 61 -6.35 -3.15 24.26
C GLY A 61 -6.88 -1.74 24.05
N ASN A 62 -5.98 -0.79 23.81
CA ASN A 62 -6.38 0.60 23.63
C ASN A 62 -6.36 0.95 22.14
N PHE A 63 -7.51 0.77 21.50
CA PHE A 63 -7.64 1.01 20.06
C PHE A 63 -8.04 2.44 19.75
N THR A 64 -7.32 3.01 18.79
CA THR A 64 -7.51 4.40 18.36
C THR A 64 -7.85 4.45 16.87
N PHE A 65 -9.14 4.33 16.57
CA PHE A 65 -9.63 4.32 15.18
C PHE A 65 -10.10 5.66 14.63
N ASP A 66 -10.08 6.72 15.43
CA ASP A 66 -10.59 8.00 14.94
C ASP A 66 -10.02 8.50 13.62
N ASN A 67 -8.70 8.54 13.49
CA ASN A 67 -8.09 9.02 12.24
C ASN A 67 -8.41 8.11 11.06
N ALA A 68 -8.37 6.80 11.28
CA ALA A 68 -8.70 5.86 10.22
C ALA A 68 -10.15 6.04 9.79
N ASP A 69 -11.05 6.20 10.76
CA ASP A 69 -12.47 6.38 10.46
C ASP A 69 -12.71 7.70 9.72
N LYS A 70 -11.92 8.72 10.02
CA LYS A 70 -12.09 10.00 9.35
C LYS A 70 -11.80 9.80 7.86
N ILE A 71 -10.79 8.99 7.56
CA ILE A 71 -10.42 8.73 6.17
C ILE A 71 -11.51 7.88 5.51
N VAL A 72 -12.03 6.91 6.25
CA VAL A 72 -13.08 6.05 5.72
C VAL A 72 -14.33 6.87 5.41
N ASP A 73 -14.71 7.75 6.34
CA ASP A 73 -15.88 8.60 6.15
C ASP A 73 -15.72 9.43 4.88
N TYR A 74 -14.51 9.97 4.71
CA TYR A 74 -14.21 10.80 3.55
C TYR A 74 -14.35 9.96 2.28
N ALA A 75 -13.82 8.74 2.30
CA ALA A 75 -13.92 7.86 1.14
C ALA A 75 -15.38 7.58 0.79
N ILE A 76 -16.20 7.33 1.79
CA ILE A 76 -17.60 7.06 1.55
C ILE A 76 -18.27 8.29 0.94
N ALA A 77 -17.98 9.45 1.51
CA ALA A 77 -18.58 10.70 1.02
C ALA A 77 -18.22 11.00 -0.44
N HIS A 78 -17.06 10.51 -0.88
CA HIS A 78 -16.64 10.76 -2.26
C HIS A 78 -16.70 9.55 -3.17
N ASN A 79 -17.47 8.55 -2.75
CA ASN A 79 -17.67 7.33 -3.53
C ASN A 79 -16.34 6.70 -3.96
N MET A 80 -15.39 6.62 -3.03
CA MET A 80 -14.09 6.03 -3.33
C MET A 80 -13.97 4.68 -2.64
N LYS A 81 -13.23 3.78 -3.27
CA LYS A 81 -12.96 2.47 -2.68
C LYS A 81 -11.69 2.69 -1.86
N MET A 82 -11.32 1.72 -1.02
CA MET A 82 -10.12 1.85 -0.21
C MET A 82 -9.30 0.58 -0.10
N ARG A 83 -8.02 0.75 0.20
CA ARG A 83 -7.14 -0.38 0.49
C ARG A 83 -6.82 -0.18 1.97
N GLY A 84 -6.67 -1.29 2.70
CA GLY A 84 -6.32 -1.21 4.10
C GLY A 84 -4.82 -1.46 4.23
N HIS A 85 -4.10 -0.51 4.80
CA HIS A 85 -2.65 -0.62 4.98
C HIS A 85 -2.33 -0.28 6.44
N THR A 86 -1.80 -1.20 7.25
CA THR A 86 -1.47 -2.60 6.91
C THR A 86 -1.58 -3.34 8.25
N LEU A 87 -1.90 -4.63 8.22
CA LEU A 87 -2.07 -5.39 9.45
C LEU A 87 -0.79 -5.81 10.18
N LEU A 88 0.32 -5.92 9.44
CA LEU A 88 1.58 -6.33 10.03
C LEU A 88 2.75 -5.73 9.26
N TRP A 89 3.74 -5.25 10.00
CA TRP A 89 4.93 -4.64 9.43
C TRP A 89 5.98 -4.61 10.55
N HIS A 90 7.23 -4.34 10.19
CA HIS A 90 8.29 -4.29 11.20
C HIS A 90 8.57 -2.86 11.66
N ASN A 91 7.89 -1.90 11.04
CA ASN A 91 8.01 -0.50 11.41
C ASN A 91 6.61 -0.07 11.85
N GLN A 92 6.55 1.04 12.59
CA GLN A 92 5.31 1.59 13.10
C GLN A 92 4.38 0.54 13.73
N VAL A 93 5.01 -0.30 14.55
CA VAL A 93 4.31 -1.35 15.30
C VAL A 93 4.84 -1.16 16.73
N PRO A 94 3.94 -1.04 17.73
CA PRO A 94 4.38 -0.84 19.11
C PRO A 94 5.21 -1.97 19.71
N ASP A 95 6.20 -1.58 20.51
CA ASP A 95 7.07 -2.54 21.18
C ASP A 95 6.29 -3.51 22.05
N TRP A 96 5.16 -3.08 22.63
CA TRP A 96 4.43 -3.98 23.53
C TRP A 96 4.07 -5.32 22.92
N PHE A 97 3.86 -5.35 21.61
CA PHE A 97 3.50 -6.60 20.94
C PHE A 97 4.53 -7.68 21.22
N PHE A 98 5.79 -7.27 21.22
CA PHE A 98 6.88 -8.22 21.34
C PHE A 98 7.46 -8.45 22.72
N GLN A 99 6.85 -7.83 23.72
CA GLN A 99 7.32 -7.93 25.09
C GLN A 99 6.46 -8.81 25.98
N ASP A 100 7.13 -9.50 26.92
CA ASP A 100 6.46 -10.33 27.91
C ASP A 100 5.84 -9.25 28.83
N PRO A 101 4.52 -9.21 28.96
CA PRO A 101 3.92 -8.18 29.83
C PRO A 101 4.30 -8.25 31.31
N SER A 102 4.68 -9.44 31.78
CA SER A 102 5.06 -9.58 33.18
C SER A 102 6.55 -9.31 33.38
N ASP A 103 7.30 -9.28 32.30
CA ASP A 103 8.74 -8.99 32.34
C ASP A 103 9.10 -8.42 30.97
N PRO A 104 8.90 -7.09 30.79
CA PRO A 104 9.19 -6.41 29.53
C PRO A 104 10.64 -6.51 29.06
N SER A 105 11.50 -7.08 29.89
CA SER A 105 12.90 -7.25 29.51
C SER A 105 13.04 -8.54 28.70
N LYS A 106 11.97 -9.32 28.65
CA LYS A 106 11.96 -10.57 27.92
C LYS A 106 10.96 -10.51 26.77
N PRO A 107 11.17 -11.33 25.73
CA PRO A 107 10.27 -11.33 24.59
C PRO A 107 9.00 -12.15 24.82
N ALA A 108 7.95 -11.79 24.12
CA ALA A 108 6.70 -12.53 24.20
C ALA A 108 6.96 -13.89 23.55
N SER A 109 6.19 -14.90 23.95
CA SER A 109 6.32 -16.22 23.39
C SER A 109 5.65 -16.28 22.01
N ARG A 110 5.89 -17.37 21.29
CA ARG A 110 5.27 -17.56 19.98
C ARG A 110 3.75 -17.53 20.14
N ASP A 111 3.22 -18.27 21.12
CA ASP A 111 1.77 -18.28 21.32
C ASP A 111 1.21 -16.92 21.70
N LEU A 112 1.92 -16.18 22.55
CA LEU A 112 1.41 -14.88 22.94
C LEU A 112 1.44 -13.89 21.78
N LEU A 113 2.51 -13.91 20.99
CA LEU A 113 2.57 -12.97 19.87
C LEU A 113 1.51 -13.33 18.84
N LEU A 114 1.29 -14.62 18.61
CA LEU A 114 0.27 -15.04 17.66
C LEU A 114 -1.12 -14.63 18.14
N GLN A 115 -1.38 -14.79 19.43
CA GLN A 115 -2.68 -14.40 19.96
C GLN A 115 -2.86 -12.90 19.79
N ARG A 116 -1.80 -12.14 20.05
CA ARG A 116 -1.89 -10.69 19.91
C ARG A 116 -2.13 -10.30 18.45
N LEU A 117 -1.48 -11.03 17.53
CA LEU A 117 -1.66 -10.74 16.11
C LEU A 117 -3.11 -11.06 15.72
N ARG A 118 -3.61 -12.18 16.21
CA ARG A 118 -4.99 -12.57 15.91
C ARG A 118 -5.97 -11.52 16.42
N THR A 119 -5.78 -11.09 17.67
CA THR A 119 -6.65 -10.09 18.27
C THR A 119 -6.59 -8.76 17.53
N HIS A 120 -5.39 -8.37 17.13
CA HIS A 120 -5.25 -7.10 16.41
C HIS A 120 -5.96 -7.16 15.07
N ILE A 121 -5.63 -8.18 14.27
CA ILE A 121 -6.25 -8.35 12.98
C ILE A 121 -7.77 -8.46 13.07
N THR A 122 -8.24 -9.30 13.99
CA THR A 122 -9.67 -9.51 14.13
C THR A 122 -10.39 -8.25 14.59
N THR A 123 -9.80 -7.53 15.54
CA THR A 123 -10.43 -6.31 16.02
C THR A 123 -10.45 -5.25 14.93
N VAL A 124 -9.36 -5.15 14.18
CA VAL A 124 -9.31 -4.15 13.12
C VAL A 124 -10.36 -4.43 12.05
N LEU A 125 -10.40 -5.67 11.55
CA LEU A 125 -11.39 -6.00 10.52
C LEU A 125 -12.82 -5.94 11.07
N ASP A 126 -13.03 -6.41 12.30
CA ASP A 126 -14.37 -6.37 12.90
C ASP A 126 -14.82 -4.93 13.10
N HIS A 127 -13.88 -4.03 13.39
CA HIS A 127 -14.23 -2.63 13.57
C HIS A 127 -14.87 -2.04 12.32
N PHE A 128 -14.20 -2.20 11.19
CA PHE A 128 -14.75 -1.64 9.95
C PHE A 128 -16.00 -2.33 9.49
N LYS A 129 -16.08 -3.64 9.70
CA LYS A 129 -17.27 -4.38 9.31
C LYS A 129 -18.46 -3.98 10.18
N THR A 130 -18.27 -3.90 11.49
CA THR A 130 -19.39 -3.54 12.36
C THR A 130 -19.80 -2.08 12.29
N LYS A 131 -18.84 -1.17 12.15
CA LYS A 131 -19.18 0.24 12.09
C LYS A 131 -19.76 0.68 10.77
N TYR A 132 -19.19 0.18 9.67
CA TYR A 132 -19.63 0.59 8.34
C TYR A 132 -20.49 -0.40 7.57
N GLY A 133 -20.44 -1.68 7.96
CA GLY A 133 -21.25 -2.68 7.28
C GLY A 133 -21.09 -2.72 5.77
N SER A 134 -22.21 -2.73 5.05
CA SER A 134 -22.18 -2.80 3.60
C SER A 134 -21.54 -1.56 2.96
N GLN A 135 -21.41 -0.48 3.73
CA GLN A 135 -20.81 0.74 3.23
C GLN A 135 -19.28 0.78 3.41
N ASN A 136 -18.72 -0.26 4.01
CA ASN A 136 -17.26 -0.32 4.21
C ASN A 136 -16.63 -0.22 2.82
N PRO A 137 -15.83 0.84 2.58
CA PRO A 137 -15.19 1.00 1.27
C PRO A 137 -13.94 0.18 1.05
N ILE A 138 -13.39 -0.37 2.13
CA ILE A 138 -12.17 -1.17 2.04
C ILE A 138 -12.45 -2.46 1.29
N ILE A 139 -11.71 -2.68 0.20
CA ILE A 139 -11.91 -3.88 -0.60
C ILE A 139 -10.88 -4.94 -0.31
N GLY A 140 -9.81 -4.54 0.38
CA GLY A 140 -8.77 -5.49 0.70
C GLY A 140 -7.72 -4.90 1.62
N TRP A 141 -6.89 -5.77 2.17
CA TRP A 141 -5.84 -5.37 3.09
C TRP A 141 -4.47 -5.91 2.75
N ASP A 142 -3.45 -5.12 3.09
CA ASP A 142 -2.07 -5.57 2.97
C ASP A 142 -1.97 -6.26 4.32
N VAL A 143 -2.11 -7.59 4.31
CA VAL A 143 -2.07 -8.39 5.53
C VAL A 143 -0.68 -8.36 6.14
N VAL A 144 0.34 -8.54 5.30
CA VAL A 144 1.71 -8.45 5.77
C VAL A 144 2.42 -7.50 4.80
N ASN A 145 3.33 -6.71 5.36
CA ASN A 145 4.05 -5.70 4.60
C ASN A 145 5.57 -5.87 4.70
N ALA A 146 6.25 -5.85 3.57
CA ALA A 146 7.71 -5.92 3.50
C ALA A 146 8.34 -7.05 4.33
N VAL A 147 7.85 -8.26 4.15
CA VAL A 147 8.38 -9.38 4.92
C VAL A 147 9.65 -10.01 4.36
N LEU A 148 10.10 -9.53 3.20
CA LEU A 148 11.32 -10.06 2.59
C LEU A 148 12.46 -9.07 2.78
N ASP A 149 13.69 -9.57 2.92
CA ASP A 149 14.81 -8.66 3.04
C ASP A 149 15.39 -8.40 1.64
N ASP A 150 16.42 -7.57 1.56
CA ASP A 150 17.06 -7.20 0.29
C ASP A 150 17.55 -8.39 -0.52
N ASN A 151 17.92 -9.48 0.15
CA ASN A 151 18.44 -10.65 -0.54
C ASN A 151 17.39 -11.71 -0.84
N GLY A 152 16.13 -11.41 -0.54
CA GLY A 152 15.08 -12.36 -0.81
C GLY A 152 14.79 -13.32 0.33
N ASN A 153 15.57 -13.25 1.39
CA ASN A 153 15.31 -14.13 2.53
C ASN A 153 14.22 -13.47 3.36
N LEU A 154 13.63 -14.21 4.28
CA LEU A 154 12.60 -13.61 5.13
C LEU A 154 13.29 -12.61 6.05
N ARG A 155 12.75 -11.39 6.10
CA ARG A 155 13.29 -10.33 6.94
C ARG A 155 13.26 -10.79 8.39
N ASN A 156 14.39 -10.65 9.08
CA ASN A 156 14.47 -11.10 10.47
C ASN A 156 13.92 -10.12 11.49
N SER A 157 12.64 -9.82 11.34
CA SER A 157 11.93 -8.92 12.24
C SER A 157 11.60 -9.67 13.53
N LYS A 158 11.04 -8.98 14.51
CA LYS A 158 10.68 -9.64 15.75
C LYS A 158 9.61 -10.68 15.48
N TRP A 159 8.79 -10.47 14.45
CA TRP A 159 7.78 -11.46 14.10
C TRP A 159 8.47 -12.79 13.77
N LEU A 160 9.48 -12.74 12.90
CA LEU A 160 10.19 -13.95 12.52
C LEU A 160 10.97 -14.54 13.68
N GLN A 161 11.60 -13.67 14.47
CA GLN A 161 12.41 -14.14 15.60
C GLN A 161 11.61 -14.90 16.64
N ILE A 162 10.46 -14.34 17.01
CA ILE A 162 9.62 -14.92 18.04
C ILE A 162 8.72 -16.07 17.60
N ILE A 163 8.13 -15.96 16.42
CA ILE A 163 7.20 -16.99 15.94
C ILE A 163 7.81 -18.03 15.03
N GLY A 164 8.57 -17.56 14.05
CA GLY A 164 9.12 -18.46 13.07
C GLY A 164 8.51 -18.12 11.72
N PRO A 165 8.94 -18.77 10.64
CA PRO A 165 8.44 -18.51 9.29
C PRO A 165 6.95 -18.62 9.00
N ASP A 166 6.19 -19.34 9.83
CA ASP A 166 4.77 -19.45 9.56
C ASP A 166 3.93 -18.28 10.08
N TYR A 167 4.58 -17.23 10.59
CA TYR A 167 3.79 -16.10 11.08
C TYR A 167 3.01 -15.48 9.93
N ILE A 168 3.58 -15.57 8.72
CA ILE A 168 2.94 -15.01 7.53
C ILE A 168 1.62 -15.75 7.24
N GLU A 169 1.69 -17.08 7.19
CA GLU A 169 0.50 -17.89 6.93
C GLU A 169 -0.56 -17.61 7.99
N LYS A 170 -0.11 -17.48 9.24
CA LYS A 170 -1.03 -17.23 10.34
C LYS A 170 -1.76 -15.90 10.16
N ALA A 171 -1.03 -14.86 9.77
CA ALA A 171 -1.66 -13.55 9.56
C ALA A 171 -2.78 -13.63 8.53
N PHE A 172 -2.53 -14.30 7.41
CA PHE A 172 -3.54 -14.45 6.37
C PHE A 172 -4.72 -15.28 6.90
N GLU A 173 -4.41 -16.33 7.65
CA GLU A 173 -5.48 -17.17 8.22
C GLU A 173 -6.39 -16.34 9.11
N TYR A 174 -5.80 -15.53 9.99
CA TYR A 174 -6.59 -14.71 10.91
C TYR A 174 -7.41 -13.67 10.17
N ALA A 175 -6.84 -13.07 9.14
CA ALA A 175 -7.56 -12.04 8.40
C ALA A 175 -8.73 -12.64 7.63
N HIS A 176 -8.47 -13.79 7.00
CA HIS A 176 -9.49 -14.46 6.22
C HIS A 176 -10.68 -14.89 7.09
N GLU A 177 -10.39 -15.37 8.28
CA GLU A 177 -11.44 -15.78 9.21
C GLU A 177 -12.24 -14.59 9.71
N ALA A 178 -11.55 -13.46 9.93
CA ALA A 178 -12.21 -12.25 10.42
C ALA A 178 -13.16 -11.66 9.39
N ASP A 179 -12.76 -11.63 8.13
CA ASP A 179 -13.62 -11.08 7.08
C ASP A 179 -13.29 -11.70 5.73
N PRO A 180 -14.01 -12.77 5.36
CA PRO A 180 -13.78 -13.43 4.07
C PRO A 180 -14.12 -12.59 2.84
N SER A 181 -14.73 -11.43 3.04
CA SER A 181 -15.07 -10.59 1.90
C SER A 181 -13.89 -9.72 1.48
N MET A 182 -12.84 -9.70 2.29
CA MET A 182 -11.66 -8.89 1.98
C MET A 182 -10.64 -9.60 1.11
N LYS A 183 -10.10 -8.88 0.12
CA LYS A 183 -9.04 -9.44 -0.72
C LYS A 183 -7.78 -9.29 0.14
N LEU A 184 -7.00 -10.36 0.27
CA LEU A 184 -5.81 -10.33 1.12
C LEU A 184 -4.51 -10.27 0.31
N PHE A 185 -3.71 -9.26 0.60
CA PHE A 185 -2.46 -9.02 -0.11
C PHE A 185 -1.18 -9.11 0.71
N ILE A 186 -0.10 -9.50 0.04
CA ILE A 186 1.23 -9.49 0.63
C ILE A 186 1.84 -8.34 -0.19
N ASN A 187 2.36 -7.33 0.52
CA ASN A 187 2.85 -6.11 -0.13
C ASN A 187 4.36 -5.94 0.05
N ASP A 188 5.05 -5.48 -0.99
CA ASP A 188 6.49 -5.28 -0.84
C ASP A 188 7.10 -4.38 -1.91
N TYR A 189 8.28 -3.87 -1.61
CA TYR A 189 9.01 -3.00 -2.52
C TYR A 189 10.17 -3.74 -3.17
N ASN A 190 10.67 -3.20 -4.27
CA ASN A 190 11.78 -3.77 -5.04
C ASN A 190 11.47 -5.11 -5.73
N ILE A 191 10.24 -5.58 -5.62
CA ILE A 191 9.89 -6.82 -6.29
C ILE A 191 9.51 -6.54 -7.75
N GLU A 192 9.72 -5.31 -8.19
CA GLU A 192 9.46 -4.93 -9.58
C GLU A 192 10.77 -4.87 -10.37
N ASN A 193 11.90 -5.17 -9.71
CA ASN A 193 13.19 -5.09 -10.39
C ASN A 193 13.68 -6.38 -11.07
N ASN A 194 12.86 -7.42 -11.01
CA ASN A 194 13.18 -8.72 -11.60
C ASN A 194 14.52 -9.28 -11.12
N GLY A 195 14.79 -9.07 -9.83
CA GLY A 195 16.02 -9.55 -9.23
C GLY A 195 15.74 -10.69 -8.26
N VAL A 196 16.63 -10.90 -7.30
CA VAL A 196 16.45 -11.97 -6.34
C VAL A 196 15.22 -11.79 -5.47
N LYS A 197 14.84 -10.54 -5.21
CA LYS A 197 13.67 -10.29 -4.37
C LYS A 197 12.39 -10.63 -5.12
N THR A 198 12.35 -10.37 -6.42
CA THR A 198 11.17 -10.71 -7.22
C THR A 198 11.01 -12.22 -7.18
N GLN A 199 12.10 -12.94 -7.42
CA GLN A 199 12.06 -14.39 -7.41
C GLN A 199 11.62 -14.92 -6.05
N ALA A 200 12.10 -14.28 -4.98
CA ALA A 200 11.75 -14.73 -3.63
C ALA A 200 10.27 -14.53 -3.34
N MET A 201 9.71 -13.43 -3.84
CA MET A 201 8.28 -13.19 -3.61
C MET A 201 7.50 -14.25 -4.37
N TYR A 202 7.92 -14.52 -5.59
CA TYR A 202 7.26 -15.53 -6.41
C TYR A 202 7.33 -16.88 -5.67
N ASP A 203 8.51 -17.27 -5.22
CA ASP A 203 8.65 -18.55 -4.54
C ASP A 203 7.81 -18.65 -3.26
N LEU A 204 7.77 -17.55 -2.50
CA LEU A 204 7.01 -17.55 -1.25
C LEU A 204 5.52 -17.67 -1.49
N VAL A 205 4.99 -16.89 -2.42
CA VAL A 205 3.57 -16.95 -2.67
C VAL A 205 3.16 -18.27 -3.30
N LYS A 206 4.03 -18.84 -4.14
CA LYS A 206 3.72 -20.11 -4.76
C LYS A 206 3.61 -21.17 -3.68
N LYS A 207 4.56 -21.14 -2.75
CA LYS A 207 4.59 -22.10 -1.66
C LYS A 207 3.35 -21.97 -0.77
N LEU A 208 3.07 -20.75 -0.31
CA LEU A 208 1.94 -20.54 0.57
C LEU A 208 0.60 -20.84 -0.08
N LYS A 209 0.40 -20.40 -1.32
CA LYS A 209 -0.86 -20.67 -1.99
C LYS A 209 -1.05 -22.18 -2.18
N ASN A 210 0.03 -22.88 -2.52
CA ASN A 210 -0.07 -24.32 -2.71
C ASN A 210 -0.44 -25.01 -1.40
N GLU A 211 -0.11 -24.37 -0.28
CA GLU A 211 -0.41 -24.91 1.03
C GLU A 211 -1.78 -24.47 1.53
N GLY A 212 -2.53 -23.81 0.66
CA GLY A 212 -3.88 -23.38 1.01
C GLY A 212 -4.02 -22.05 1.73
N VAL A 213 -2.93 -21.28 1.83
CA VAL A 213 -2.99 -19.99 2.50
C VAL A 213 -3.84 -19.07 1.63
N PRO A 214 -4.83 -18.39 2.24
CA PRO A 214 -5.71 -17.50 1.48
C PRO A 214 -5.15 -16.17 1.00
N ILE A 215 -4.12 -16.24 0.17
CA ILE A 215 -3.52 -15.03 -0.40
C ILE A 215 -4.22 -14.76 -1.72
N ASN A 216 -4.81 -13.58 -1.86
CA ASN A 216 -5.52 -13.24 -3.08
C ASN A 216 -4.71 -12.38 -4.06
N GLY A 217 -3.70 -11.70 -3.55
CA GLY A 217 -2.93 -10.86 -4.45
C GLY A 217 -1.60 -10.41 -3.89
N ILE A 218 -0.81 -9.83 -4.78
CA ILE A 218 0.50 -9.33 -4.42
C ILE A 218 0.48 -7.83 -4.70
N GLY A 219 0.89 -7.05 -3.70
CA GLY A 219 0.98 -5.62 -3.85
C GLY A 219 2.42 -5.27 -4.17
N MET A 220 2.63 -4.60 -5.30
CA MET A 220 3.97 -4.16 -5.70
C MET A 220 3.96 -2.67 -5.35
N GLN A 221 4.70 -2.32 -4.30
CA GLN A 221 4.75 -0.92 -3.85
C GLN A 221 5.13 0.02 -4.96
N MET A 222 6.07 -0.41 -5.79
CA MET A 222 6.51 0.40 -6.92
C MET A 222 7.11 1.73 -6.53
N HIS A 223 7.97 1.73 -5.52
CA HIS A 223 8.67 2.95 -5.15
C HIS A 223 9.85 2.91 -6.12
N ILE A 224 9.58 3.32 -7.36
CA ILE A 224 10.59 3.29 -8.41
C ILE A 224 11.45 4.54 -8.43
N SER A 225 12.39 4.59 -9.36
CA SER A 225 13.24 5.77 -9.47
C SER A 225 13.34 6.21 -10.93
N ILE A 226 13.91 7.39 -11.12
CA ILE A 226 14.06 7.95 -12.45
C ILE A 226 14.90 7.03 -13.34
N ASN A 227 15.64 6.11 -12.72
CA ASN A 227 16.49 5.17 -13.47
C ASN A 227 15.94 3.75 -13.55
N SER A 228 14.70 3.55 -13.13
CA SER A 228 14.12 2.21 -13.18
C SER A 228 13.96 1.74 -14.62
N ASN A 229 14.10 0.42 -14.80
CA ASN A 229 14.02 -0.24 -16.10
C ASN A 229 12.63 -0.83 -16.35
N ILE A 230 11.93 -0.28 -17.33
CA ILE A 230 10.59 -0.75 -17.67
C ILE A 230 10.56 -2.24 -18.01
N ASP A 231 11.60 -2.72 -18.68
CA ASP A 231 11.65 -4.13 -19.04
C ASP A 231 11.63 -5.01 -17.80
N ASN A 232 12.35 -4.61 -16.77
CA ASN A 232 12.38 -5.39 -15.53
C ASN A 232 11.03 -5.36 -14.83
N ILE A 233 10.35 -4.22 -14.87
CA ILE A 233 9.05 -4.12 -14.23
C ILE A 233 8.06 -5.02 -14.96
N LYS A 234 8.12 -5.04 -16.29
CA LYS A 234 7.22 -5.88 -17.08
C LYS A 234 7.46 -7.35 -16.76
N ALA A 235 8.73 -7.75 -16.71
CA ALA A 235 9.07 -9.13 -16.43
C ALA A 235 8.61 -9.54 -15.02
N SER A 236 8.71 -8.61 -14.07
CA SER A 236 8.29 -8.88 -12.70
C SER A 236 6.78 -9.07 -12.62
N ILE A 237 6.04 -8.18 -13.26
CA ILE A 237 4.59 -8.30 -13.25
C ILE A 237 4.17 -9.64 -13.86
N GLU A 238 4.79 -10.01 -14.98
CA GLU A 238 4.43 -11.26 -15.63
C GLU A 238 4.73 -12.46 -14.74
N LYS A 239 5.91 -12.45 -14.13
CA LYS A 239 6.30 -13.57 -13.27
C LYS A 239 5.36 -13.72 -12.08
N LEU A 240 5.12 -12.63 -11.38
CA LEU A 240 4.23 -12.67 -10.21
C LEU A 240 2.80 -13.03 -10.62
N ALA A 241 2.35 -12.49 -11.75
CA ALA A 241 0.99 -12.75 -12.23
C ALA A 241 0.75 -14.21 -12.61
N SER A 242 1.82 -14.94 -12.89
CA SER A 242 1.66 -16.34 -13.28
C SER A 242 1.14 -17.19 -12.13
N LEU A 243 1.16 -16.66 -10.91
CA LEU A 243 0.69 -17.39 -9.74
C LEU A 243 -0.83 -17.41 -9.59
N GLY A 244 -1.52 -16.68 -10.45
CA GLY A 244 -2.97 -16.66 -10.39
C GLY A 244 -3.50 -15.77 -9.27
N VAL A 245 -2.76 -14.71 -8.96
CA VAL A 245 -3.18 -13.76 -7.93
C VAL A 245 -3.35 -12.40 -8.59
N GLU A 246 -4.10 -11.51 -7.95
CA GLU A 246 -4.30 -10.16 -8.47
C GLU A 246 -3.01 -9.43 -8.19
N ILE A 247 -2.73 -8.40 -9.00
CA ILE A 247 -1.56 -7.58 -8.78
C ILE A 247 -2.10 -6.17 -8.57
N GLN A 248 -1.60 -5.46 -7.57
CA GLN A 248 -2.00 -4.08 -7.39
C GLN A 248 -0.72 -3.27 -7.21
N VAL A 249 -0.67 -2.11 -7.84
CA VAL A 249 0.47 -1.19 -7.72
C VAL A 249 0.01 -0.34 -6.56
N THR A 250 0.66 -0.51 -5.43
CA THR A 250 0.21 0.09 -4.19
C THR A 250 0.76 1.38 -3.62
N GLU A 251 1.99 1.74 -3.96
CA GLU A 251 2.60 2.93 -3.36
C GLU A 251 3.49 3.62 -4.38
N LEU A 252 2.95 3.80 -5.57
CA LEU A 252 3.70 4.39 -6.65
C LEU A 252 4.21 5.81 -6.45
N ASP A 253 5.52 5.96 -6.65
CA ASP A 253 6.15 7.28 -6.65
C ASP A 253 7.50 7.12 -7.34
N MET A 254 8.10 8.24 -7.72
CA MET A 254 9.35 8.18 -8.44
C MET A 254 10.47 8.98 -7.79
N ASN A 255 11.48 8.27 -7.29
CA ASN A 255 12.62 8.92 -6.65
C ASN A 255 13.50 9.53 -7.73
N MET A 256 13.68 10.84 -7.65
CA MET A 256 14.47 11.55 -8.65
C MET A 256 15.96 11.63 -8.33
N ASN A 257 16.36 11.01 -7.22
CA ASN A 257 17.75 11.02 -6.82
C ASN A 257 18.37 12.41 -6.78
N GLY A 258 17.61 13.37 -6.24
CA GLY A 258 18.11 14.73 -6.10
C GLY A 258 18.03 15.64 -7.31
N ASP A 259 17.69 15.09 -8.47
CA ASP A 259 17.62 15.91 -9.68
C ASP A 259 16.17 16.25 -10.01
N VAL A 260 15.78 17.48 -9.67
CA VAL A 260 14.42 17.97 -9.89
C VAL A 260 14.40 19.05 -10.97
N SER A 261 15.42 19.02 -11.82
CA SER A 261 15.55 19.98 -12.91
C SER A 261 14.44 19.81 -13.95
N ASN A 262 14.26 20.82 -14.80
CA ASN A 262 13.23 20.72 -15.82
C ASN A 262 13.49 19.51 -16.72
N ASP A 263 14.76 19.30 -17.09
CA ASP A 263 15.10 18.16 -17.93
C ASP A 263 14.68 16.86 -17.26
N ALA A 264 14.91 16.76 -15.95
CA ALA A 264 14.55 15.56 -15.20
C ALA A 264 13.03 15.37 -15.20
N LEU A 265 12.29 16.47 -15.12
CA LEU A 265 10.84 16.37 -15.12
C LEU A 265 10.35 15.82 -16.46
N LEU A 266 11.04 16.16 -17.54
CA LEU A 266 10.67 15.66 -18.86
C LEU A 266 10.98 14.17 -18.96
N LYS A 267 12.09 13.76 -18.37
CA LYS A 267 12.47 12.36 -18.37
C LYS A 267 11.46 11.60 -17.52
N GLN A 268 11.05 12.23 -16.42
CA GLN A 268 10.05 11.61 -15.55
C GLN A 268 8.76 11.36 -16.31
N ALA A 269 8.35 12.35 -17.11
CA ALA A 269 7.13 12.25 -17.89
C ALA A 269 7.21 11.08 -18.88
N ARG A 270 8.34 10.94 -19.57
CA ARG A 270 8.49 9.83 -20.50
C ARG A 270 8.42 8.49 -19.78
N LEU A 271 9.06 8.39 -18.63
CA LEU A 271 9.06 7.14 -17.87
C LEU A 271 7.68 6.79 -17.32
N TYR A 272 6.98 7.79 -16.79
CA TYR A 272 5.64 7.54 -16.27
C TYR A 272 4.72 7.13 -17.42
N LYS A 273 4.94 7.69 -18.60
CA LYS A 273 4.10 7.32 -19.74
C LYS A 273 4.31 5.86 -20.08
N GLN A 274 5.57 5.44 -20.14
CA GLN A 274 5.87 4.06 -20.46
C GLN A 274 5.33 3.14 -19.38
N LEU A 275 5.40 3.60 -18.13
CA LEU A 275 4.92 2.81 -17.02
C LEU A 275 3.42 2.57 -17.10
N PHE A 276 2.65 3.62 -17.36
CA PHE A 276 1.21 3.42 -17.44
C PHE A 276 0.80 2.68 -18.70
N ASP A 277 1.58 2.78 -19.77
CA ASP A 277 1.25 2.02 -20.98
C ASP A 277 1.39 0.54 -20.61
N LEU A 278 2.41 0.24 -19.80
CA LEU A 278 2.63 -1.14 -19.36
C LEU A 278 1.47 -1.60 -18.50
N PHE A 279 1.09 -0.78 -17.52
CA PHE A 279 -0.01 -1.12 -16.63
C PHE A 279 -1.28 -1.40 -17.42
N LYS A 280 -1.58 -0.54 -18.40
CA LYS A 280 -2.78 -0.74 -19.20
C LYS A 280 -2.68 -2.03 -20.01
N ALA A 281 -1.49 -2.34 -20.50
CA ALA A 281 -1.28 -3.56 -21.26
C ALA A 281 -1.50 -4.79 -20.39
N GLU A 282 -1.26 -4.63 -19.10
CA GLU A 282 -1.40 -5.73 -18.13
C GLU A 282 -2.68 -5.64 -17.30
N LYS A 283 -3.70 -5.00 -17.84
CA LYS A 283 -4.95 -4.83 -17.15
C LYS A 283 -5.64 -6.13 -16.73
N GLN A 284 -5.30 -7.23 -17.39
CA GLN A 284 -5.91 -8.51 -17.05
C GLN A 284 -5.40 -9.00 -15.69
N TYR A 285 -4.34 -8.38 -15.19
CA TYR A 285 -3.75 -8.75 -13.90
C TYR A 285 -3.85 -7.66 -12.84
N ILE A 286 -3.61 -6.42 -13.26
CA ILE A 286 -3.63 -5.28 -12.35
C ILE A 286 -5.04 -4.80 -12.03
N THR A 287 -5.37 -4.75 -10.74
CA THR A 287 -6.71 -4.33 -10.34
C THR A 287 -6.78 -2.99 -9.62
N ALA A 288 -5.63 -2.32 -9.49
CA ALA A 288 -5.57 -1.01 -8.85
C ALA A 288 -4.18 -0.42 -8.97
N VAL A 289 -4.12 0.91 -9.09
CA VAL A 289 -2.84 1.63 -9.12
C VAL A 289 -3.01 2.80 -8.15
N VAL A 290 -2.17 2.83 -7.12
CA VAL A 290 -2.25 3.85 -6.09
C VAL A 290 -0.96 4.63 -5.97
N PHE A 291 -1.05 5.97 -5.90
CA PHE A 291 0.13 6.82 -5.73
C PHE A 291 0.38 7.07 -4.24
N TRP A 292 1.65 7.04 -3.83
CA TRP A 292 1.96 7.25 -2.42
C TRP A 292 2.13 8.73 -2.07
N GLY A 293 1.00 9.43 -2.04
CA GLY A 293 1.00 10.85 -1.73
C GLY A 293 0.23 11.65 -2.76
N VAL A 294 -0.40 12.73 -2.30
CA VAL A 294 -1.22 13.58 -3.17
C VAL A 294 -0.42 14.51 -4.09
N SER A 295 0.64 15.09 -3.57
CA SER A 295 1.46 16.01 -4.34
C SER A 295 2.90 16.03 -3.80
N ASP A 296 3.83 16.51 -4.60
CA ASP A 296 5.23 16.50 -4.21
C ASP A 296 5.56 17.06 -2.84
N ASP A 297 4.89 18.14 -2.45
CA ASP A 297 5.14 18.79 -1.16
C ASP A 297 4.79 17.93 0.06
N VAL A 298 3.96 16.91 -0.12
CA VAL A 298 3.59 16.05 1.00
C VAL A 298 4.15 14.63 0.85
N SER A 299 5.09 14.45 -0.08
CA SER A 299 5.70 13.14 -0.29
C SER A 299 6.60 12.76 0.89
N TRP A 300 6.62 11.47 1.21
CA TRP A 300 7.44 10.95 2.31
C TRP A 300 8.93 10.95 2.00
N LEU A 301 9.30 11.11 0.73
CA LEU A 301 10.71 11.09 0.35
C LEU A 301 11.42 12.37 0.84
N SER A 302 12.68 12.24 1.21
CA SER A 302 13.43 13.40 1.68
C SER A 302 13.66 14.37 0.52
N LYS A 303 13.89 15.63 0.86
CA LYS A 303 14.10 16.67 -0.13
C LYS A 303 15.57 16.75 -0.54
N PRO A 304 15.84 17.22 -1.77
CA PRO A 304 14.84 17.64 -2.75
C PRO A 304 14.23 16.46 -3.50
N ASN A 305 12.96 16.59 -3.88
CA ASN A 305 12.25 15.53 -4.60
C ASN A 305 11.14 16.12 -5.47
N ALA A 306 10.58 15.28 -6.34
CA ALA A 306 9.47 15.64 -7.23
C ALA A 306 8.99 14.28 -7.74
N PRO A 307 8.48 13.45 -6.83
CA PRO A 307 8.01 12.10 -7.15
C PRO A 307 6.67 11.78 -7.76
N LEU A 308 5.74 12.74 -7.75
CA LEU A 308 4.37 12.47 -8.19
C LEU A 308 3.91 13.21 -9.45
N LEU A 309 2.60 13.15 -9.73
CA LEU A 309 2.07 13.82 -10.91
C LEU A 309 1.71 15.28 -10.67
N PHE A 310 1.62 15.67 -9.41
CA PHE A 310 1.29 17.05 -9.05
C PHE A 310 2.45 17.63 -8.24
N ASP A 311 2.88 18.83 -8.62
CA ASP A 311 4.03 19.44 -7.93
C ASP A 311 3.77 20.07 -6.57
N SER A 312 4.81 20.69 -6.02
CA SER A 312 4.73 21.30 -4.70
C SER A 312 3.78 22.50 -4.62
N LYS A 313 3.24 22.89 -5.77
CA LYS A 313 2.29 23.99 -5.85
C LYS A 313 0.94 23.42 -6.26
N LEU A 314 0.85 22.09 -6.20
CA LEU A 314 -0.36 21.33 -6.53
C LEU A 314 -0.79 21.40 -7.99
N GLN A 315 0.15 21.77 -8.86
CA GLN A 315 -0.13 21.88 -10.29
C GLN A 315 0.27 20.61 -11.03
N ALA A 316 -0.47 20.30 -12.10
CA ALA A 316 -0.18 19.12 -12.91
C ALA A 316 1.19 19.25 -13.56
N LYS A 317 2.01 18.21 -13.40
CA LYS A 317 3.36 18.21 -13.96
C LYS A 317 3.38 17.59 -15.36
N PRO A 318 4.53 17.66 -16.05
CA PRO A 318 4.62 17.06 -17.39
C PRO A 318 4.17 15.60 -17.40
N ALA A 319 4.45 14.88 -16.31
CA ALA A 319 4.07 13.47 -16.22
C ALA A 319 2.55 13.30 -16.28
N TYR A 320 1.82 14.23 -15.68
CA TYR A 320 0.37 14.15 -15.69
C TYR A 320 -0.12 14.23 -17.13
N TRP A 321 0.34 15.24 -17.86
CA TRP A 321 -0.09 15.39 -19.24
C TRP A 321 0.34 14.25 -20.15
N ALA A 322 1.49 13.65 -19.86
CA ALA A 322 1.98 12.54 -20.67
C ALA A 322 1.05 11.33 -20.55
N ILE A 323 0.53 11.13 -19.34
CA ILE A 323 -0.36 10.01 -19.06
C ILE A 323 -1.81 10.21 -19.48
N VAL A 324 -2.28 11.44 -19.41
CA VAL A 324 -3.66 11.74 -19.79
C VAL A 324 -3.77 12.02 -21.28
#